data_6COG
#
_entry.id   6COG
#
_cell.length_a   49.772
_cell.length_b   87.002
_cell.length_c   122.775
_cell.angle_alpha   90.000
_cell.angle_beta   90.000
_cell.angle_gamma   90.000
#
_symmetry.space_group_name_H-M   'P 21 21 21'
#
loop_
_entity.id
_entity.type
_entity.pdbx_description
1 polymer 'Alpha-hydroxynitrile lyase'
2 non-polymer GLYCEROL
3 non-polymer 'CHLORIDE ION'
4 non-polymer benzaldehyde
5 water water
#
_entity_poly.entity_id   1
_entity_poly.type   'polypeptide(L)'
_entity_poly.pdbx_seq_one_letter_code
;MERKHHFVLVHNACHGAWIWYKLKPLLESAGHRVTAVELAASGIDPRPIQAVETVDEYSKPLIETLKSLPENEEVILVGF
SFGGINIALAADIFPAKIKVLVFLNAFLPDTTHVPSHVLDKLMEMFGGWGDTEFSSHETRNGTMSLLKMGPKFMKARLYQ
NCPIEDYELAKMLHRQGSFFTEDLSKKEKFSEEGYGSVQRVYVMSSEDKIIPCDFIRWMIDNFNVSKVYEIDGGDHMVML
SKPQKLFDSLSAIATDYMGL
;
_entity_poly.pdbx_strand_id   A,B
#
loop_
_chem_comp.id
_chem_comp.type
_chem_comp.name
_chem_comp.formula
CL non-polymer 'CHLORIDE ION' 'Cl -1'
GOL non-polymer GLYCEROL 'C3 H8 O3'
HBX non-polymer benzaldehyde 'C7 H6 O'
#
# COMPACT_ATOMS: atom_id res chain seq x y z
N MET A 1 -32.31 12.89 -10.21
CA MET A 1 -31.08 13.15 -9.38
C MET A 1 -30.10 14.12 -10.08
N GLU A 2 -29.34 14.89 -9.26
CA GLU A 2 -28.18 15.68 -9.68
C GLU A 2 -27.25 15.02 -10.75
N ARG A 3 -26.58 15.83 -11.58
CA ARG A 3 -25.60 15.28 -12.51
C ARG A 3 -24.37 14.94 -11.63
N LYS A 4 -23.77 13.82 -11.86
CA LYS A 4 -22.58 13.35 -11.03
C LYS A 4 -21.29 13.80 -11.79
N HIS A 5 -20.08 13.67 -11.21
CA HIS A 5 -18.92 14.19 -11.78
C HIS A 5 -17.84 13.11 -11.74
N HIS A 6 -16.75 13.37 -12.47
CA HIS A 6 -15.57 12.54 -12.47
C HIS A 6 -14.52 13.32 -11.62
N PHE A 7 -14.10 12.75 -10.51
CA PHE A 7 -13.07 13.29 -9.65
C PHE A 7 -11.75 12.57 -9.99
N VAL A 8 -10.69 13.35 -10.21
CA VAL A 8 -9.38 12.82 -10.42
C VAL A 8 -8.64 13.23 -9.16
N LEU A 9 -8.13 12.25 -8.43
CA LEU A 9 -7.45 12.47 -7.16
C LEU A 9 -5.91 12.26 -7.26
N VAL A 10 -5.16 13.27 -6.78
CA VAL A 10 -3.73 13.29 -6.91
C VAL A 10 -3.10 13.33 -5.55
N HIS A 11 -2.39 12.27 -5.23
CA HIS A 11 -1.74 12.19 -3.93
C HIS A 11 -0.48 13.08 -3.75
N ASN A 12 0.02 13.04 -2.55
CA ASN A 12 1.17 13.79 -2.08
C ASN A 12 2.48 13.06 -2.25
N ALA A 13 3.55 13.80 -2.08
CA ALA A 13 4.90 13.14 -2.16
C ALA A 13 5.07 12.14 -1.08
N CYS A 14 5.84 11.15 -1.41
CA CYS A 14 6.18 10.04 -0.52
C CYS A 14 5.05 9.00 -0.31
N HIS A 15 3.87 9.21 -0.93
CA HIS A 15 2.73 8.41 -0.74
C HIS A 15 2.32 7.90 -2.15
N GLY A 16 1.08 7.53 -2.30
CA GLY A 16 0.62 6.93 -3.53
C GLY A 16 -0.91 7.01 -3.59
N ALA A 17 -1.48 6.31 -4.60
CA ALA A 17 -2.93 6.31 -4.79
C ALA A 17 -3.71 5.67 -3.66
N TRP A 18 -3.03 4.80 -2.89
CA TRP A 18 -3.63 4.14 -1.73
C TRP A 18 -4.21 5.04 -0.72
N ILE A 19 -3.68 6.25 -0.60
CA ILE A 19 -4.21 7.15 0.43
C ILE A 19 -5.76 7.40 0.31
N TRP A 20 -6.27 7.22 -0.89
CA TRP A 20 -7.64 7.53 -1.17
C TRP A 20 -8.54 6.35 -0.97
N TYR A 21 -8.11 5.26 -0.31
CA TYR A 21 -8.91 4.08 -0.26
C TYR A 21 -10.21 4.25 0.50
N LYS A 22 -10.32 5.19 1.41
CA LYS A 22 -11.64 5.48 2.11
C LYS A 22 -12.53 6.43 1.38
N LEU A 23 -11.92 7.39 0.75
CA LEU A 23 -12.70 8.38 0.00
C LEU A 23 -13.26 7.86 -1.32
N LYS A 24 -12.52 7.06 -2.02
CA LYS A 24 -13.02 6.65 -3.30
C LYS A 24 -14.37 5.94 -3.18
N PRO A 25 -14.52 4.96 -2.32
CA PRO A 25 -15.88 4.32 -2.28
C PRO A 25 -16.99 5.26 -1.81
N LEU A 26 -16.65 6.22 -0.98
CA LEU A 26 -17.67 7.26 -0.60
C LEU A 26 -18.13 8.04 -1.80
N LEU A 27 -17.21 8.49 -2.60
CA LEU A 27 -17.60 9.23 -3.81
C LEU A 27 -18.36 8.37 -4.81
N GLU A 28 -17.87 7.13 -4.95
CA GLU A 28 -18.54 6.20 -5.91
C GLU A 28 -19.96 5.72 -5.48
N SER A 29 -20.19 5.64 -4.18
CA SER A 29 -21.49 5.27 -3.57
C SER A 29 -22.50 6.38 -3.85
N ALA A 30 -22.05 7.61 -4.04
CA ALA A 30 -22.86 8.78 -4.40
C ALA A 30 -23.05 8.97 -5.91
N GLY A 31 -22.43 8.13 -6.71
CA GLY A 31 -22.71 8.12 -8.16
C GLY A 31 -21.63 8.70 -8.99
N HIS A 32 -20.60 9.19 -8.34
CA HIS A 32 -19.49 9.88 -9.05
C HIS A 32 -18.48 8.87 -9.53
N ARG A 33 -17.71 9.25 -10.52
CA ARG A 33 -16.57 8.50 -11.00
C ARG A 33 -15.31 8.99 -10.28
N VAL A 34 -14.39 8.07 -10.05
CA VAL A 34 -13.14 8.47 -9.41
C VAL A 34 -11.99 7.80 -10.06
N THR A 35 -10.94 8.57 -10.40
CA THR A 35 -9.67 8.00 -10.85
C THR A 35 -8.63 8.44 -9.81
N ALA A 36 -7.98 7.53 -9.14
CA ALA A 36 -6.90 7.86 -8.21
C ALA A 36 -5.60 7.60 -8.94
N VAL A 37 -4.85 8.64 -9.34
CA VAL A 37 -3.70 8.47 -10.14
C VAL A 37 -2.55 8.02 -9.27
N GLU A 38 -1.67 7.29 -9.86
CA GLU A 38 -0.38 6.97 -9.15
C GLU A 38 0.78 7.64 -9.90
N LEU A 39 1.42 8.59 -9.23
CA LEU A 39 2.50 9.35 -9.82
C LEU A 39 3.73 8.50 -9.98
N ALA A 40 4.65 9.02 -10.77
CA ALA A 40 5.91 8.24 -11.03
C ALA A 40 6.63 7.95 -9.67
N ALA A 41 7.18 6.75 -9.57
CA ALA A 41 8.07 6.39 -8.40
C ALA A 41 7.32 6.51 -7.07
N SER A 42 6.02 6.31 -7.14
CA SER A 42 5.19 6.45 -6.02
C SER A 42 4.37 5.20 -5.78
N GLY A 43 4.01 4.93 -4.55
CA GLY A 43 3.11 3.76 -4.33
C GLY A 43 3.81 2.49 -4.83
N ILE A 44 3.11 1.76 -5.67
CA ILE A 44 3.68 0.49 -6.11
C ILE A 44 4.44 0.60 -7.42
N ASP A 45 4.53 1.80 -8.00
CA ASP A 45 5.51 1.92 -9.15
C ASP A 45 6.93 1.42 -8.86
N PRO A 46 7.45 0.31 -9.48
CA PRO A 46 8.78 -0.30 -9.14
C PRO A 46 9.92 0.57 -9.91
N ARG A 47 9.84 1.87 -9.78
N ARG A 47 10.25 1.66 -9.31
CA ARG A 47 10.82 2.84 -10.31
CA ARG A 47 11.02 2.64 -10.00
C ARG A 47 11.21 3.70 -9.08
C ARG A 47 11.27 3.62 -8.96
N PRO A 48 12.52 3.91 -8.78
CA PRO A 48 12.88 4.72 -7.72
C PRO A 48 12.78 6.18 -8.07
N ILE A 49 12.61 6.99 -7.05
CA ILE A 49 12.45 8.38 -7.29
C ILE A 49 13.69 8.97 -7.99
N GLN A 50 14.85 8.40 -7.72
CA GLN A 50 16.14 8.83 -8.34
C GLN A 50 16.05 8.76 -9.82
N ALA A 51 15.32 7.83 -10.36
CA ALA A 51 15.21 7.70 -11.81
C ALA A 51 14.26 8.79 -12.43
N VAL A 52 13.48 9.44 -11.64
CA VAL A 52 12.48 10.36 -12.12
C VAL A 52 13.17 11.78 -11.93
N GLU A 53 13.51 12.39 -12.86
CA GLU A 53 14.41 13.49 -12.30
C GLU A 53 13.76 14.89 -12.23
N THR A 54 12.61 14.99 -12.84
CA THR A 54 11.96 16.24 -13.13
C THR A 54 10.50 16.09 -12.73
N VAL A 55 9.91 17.23 -12.38
CA VAL A 55 8.54 17.27 -11.96
C VAL A 55 7.60 16.88 -13.11
N ASP A 56 8.03 17.19 -14.33
CA ASP A 56 7.24 16.77 -15.49
C ASP A 56 7.18 15.26 -15.64
N GLU A 57 8.35 14.57 -15.41
CA GLU A 57 8.38 13.11 -15.42
C GLU A 57 7.53 12.56 -14.29
N TYR A 58 7.67 13.13 -13.10
CA TYR A 58 6.84 12.75 -11.94
C TYR A 58 5.32 12.77 -12.21
N SER A 59 4.90 13.88 -12.86
CA SER A 59 3.50 14.20 -13.13
C SER A 59 2.94 13.47 -14.35
N LYS A 60 3.73 12.77 -15.14
CA LYS A 60 3.28 12.17 -16.37
C LYS A 60 2.06 11.30 -16.25
N PRO A 61 1.97 10.45 -15.21
CA PRO A 61 0.71 9.68 -15.10
C PRO A 61 -0.54 10.54 -15.00
N LEU A 62 -0.46 11.72 -14.38
CA LEU A 62 -1.58 12.56 -14.29
C LEU A 62 -1.91 13.13 -15.71
N ILE A 63 -0.88 13.61 -16.38
CA ILE A 63 -1.01 14.11 -17.74
C ILE A 63 -1.67 13.06 -18.70
N GLU A 64 -1.17 11.85 -18.59
CA GLU A 64 -1.71 10.76 -19.38
C GLU A 64 -3.21 10.51 -19.07
N THR A 65 -3.59 10.55 -17.82
CA THR A 65 -4.97 10.43 -17.37
C THR A 65 -5.85 11.46 -18.03
N LEU A 66 -5.42 12.69 -18.04
CA LEU A 66 -6.22 13.75 -18.66
C LEU A 66 -6.25 13.63 -20.13
N LYS A 67 -5.15 13.29 -20.73
CA LYS A 67 -5.13 13.11 -22.18
C LYS A 67 -6.03 12.04 -22.67
N SER A 68 -6.16 10.98 -21.91
CA SER A 68 -7.01 9.85 -22.24
C SER A 68 -8.55 10.14 -22.07
N LEU A 69 -8.96 11.29 -21.54
CA LEU A 69 -10.37 11.53 -21.30
C LEU A 69 -11.05 11.68 -22.65
N PRO A 70 -12.31 11.23 -22.76
CA PRO A 70 -12.92 11.55 -24.04
C PRO A 70 -13.08 13.07 -24.28
N GLU A 71 -13.30 13.41 -25.54
CA GLU A 71 -13.45 14.80 -25.99
C GLU A 71 -14.57 15.51 -25.14
N ASN A 72 -14.30 16.73 -24.69
CA ASN A 72 -15.23 17.56 -23.91
C ASN A 72 -15.51 17.11 -22.53
N GLU A 73 -14.89 16.00 -22.06
CA GLU A 73 -15.13 15.69 -20.66
C GLU A 73 -14.30 16.63 -19.78
N GLU A 74 -14.88 17.08 -18.70
CA GLU A 74 -14.21 17.88 -17.70
C GLU A 74 -14.26 17.19 -16.33
N VAL A 75 -13.23 17.35 -15.55
CA VAL A 75 -13.15 16.70 -14.24
C VAL A 75 -12.94 17.69 -13.10
N ILE A 76 -13.22 17.22 -11.89
CA ILE A 76 -12.92 17.98 -10.70
C ILE A 76 -11.55 17.37 -10.29
N LEU A 77 -10.52 18.19 -10.30
CA LEU A 77 -9.17 17.67 -10.13
C LEU A 77 -8.67 18.09 -8.76
N VAL A 78 -8.39 17.09 -7.91
CA VAL A 78 -8.12 17.34 -6.47
C VAL A 78 -6.67 17.06 -6.21
N GLY A 79 -5.92 18.06 -5.74
CA GLY A 79 -4.49 17.75 -5.47
C GLY A 79 -4.21 17.99 -3.99
N PHE A 80 -3.54 17.00 -3.40
CA PHE A 80 -3.25 16.92 -1.98
C PHE A 80 -1.77 17.22 -1.70
N SER A 81 -1.54 18.25 -0.91
CA SER A 81 -0.17 18.63 -0.48
C SER A 81 0.78 19.04 -1.68
N PHE A 82 1.88 18.34 -1.99
CA PHE A 82 2.62 18.48 -3.22
C PHE A 82 1.75 18.28 -4.43
N GLY A 83 0.67 17.49 -4.29
CA GLY A 83 -0.26 17.35 -5.41
C GLY A 83 -0.83 18.67 -5.94
N GLY A 84 -0.81 19.71 -5.10
CA GLY A 84 -1.15 21.05 -5.56
C GLY A 84 -0.29 21.49 -6.77
N ILE A 85 0.99 21.26 -6.68
CA ILE A 85 1.96 21.58 -7.77
C ILE A 85 1.63 20.72 -8.98
N ASN A 86 1.34 19.39 -8.81
CA ASN A 86 1.02 18.55 -9.96
C ASN A 86 -0.26 19.05 -10.68
N ILE A 87 -1.22 19.50 -9.90
CA ILE A 87 -2.54 19.86 -10.53
C ILE A 87 -2.37 21.23 -11.31
N ALA A 88 -1.52 22.09 -10.74
CA ALA A 88 -1.24 23.32 -11.43
C ALA A 88 -0.51 23.07 -12.74
N LEU A 89 0.47 22.14 -12.75
CA LEU A 89 1.16 21.79 -13.96
C LEU A 89 0.18 21.25 -15.01
N ALA A 90 -0.72 20.39 -14.57
CA ALA A 90 -1.72 19.84 -15.44
C ALA A 90 -2.72 20.90 -15.98
N ALA A 91 -3.08 21.84 -15.13
CA ALA A 91 -3.99 22.89 -15.54
C ALA A 91 -3.36 23.84 -16.59
N ASP A 92 -2.05 23.97 -16.57
CA ASP A 92 -1.32 24.71 -17.60
C ASP A 92 -1.26 24.00 -18.96
N ILE A 93 -1.51 22.73 -19.01
CA ILE A 93 -1.59 21.93 -20.17
C ILE A 93 -2.99 21.75 -20.74
N PHE A 94 -3.96 21.41 -19.88
CA PHE A 94 -5.31 21.05 -20.25
C PHE A 94 -6.33 21.81 -19.45
N PRO A 95 -6.27 23.14 -19.50
CA PRO A 95 -7.20 23.95 -18.70
C PRO A 95 -8.65 23.64 -19.03
N ALA A 96 -8.97 23.32 -20.27
CA ALA A 96 -10.36 23.08 -20.66
C ALA A 96 -10.93 21.77 -20.22
N LYS A 97 -10.06 20.84 -19.80
CA LYS A 97 -10.46 19.56 -19.18
C LYS A 97 -10.83 19.58 -17.67
N ILE A 98 -10.64 20.73 -17.03
CA ILE A 98 -10.76 20.86 -15.61
C ILE A 98 -11.87 21.82 -15.24
N LYS A 99 -12.92 21.30 -14.68
CA LYS A 99 -14.04 22.10 -14.18
C LYS A 99 -13.63 22.99 -13.02
N VAL A 100 -12.91 22.40 -12.06
CA VAL A 100 -12.38 23.12 -10.97
C VAL A 100 -11.20 22.36 -10.37
N LEU A 101 -10.25 23.14 -9.89
CA LEU A 101 -9.09 22.61 -9.12
C LEU A 101 -9.36 22.68 -7.64
N VAL A 102 -9.15 21.58 -6.92
CA VAL A 102 -9.44 21.53 -5.47
C VAL A 102 -8.06 21.34 -4.84
N PHE A 103 -7.58 22.34 -4.12
CA PHE A 103 -6.34 22.34 -3.44
C PHE A 103 -6.67 21.89 -2.06
N LEU A 104 -6.30 20.62 -1.76
CA LEU A 104 -6.58 19.97 -0.49
C LEU A 104 -5.39 19.94 0.41
N ASN A 105 -5.31 20.85 1.41
CA ASN A 105 -4.15 20.94 2.28
C ASN A 105 -2.89 21.01 1.42
N ALA A 106 -2.94 21.85 0.34
CA ALA A 106 -2.00 21.76 -0.72
C ALA A 106 -1.16 23.00 -0.95
N PHE A 107 -0.04 22.79 -1.65
CA PHE A 107 0.73 23.91 -2.09
C PHE A 107 -0.08 24.57 -3.22
N LEU A 108 -0.30 25.89 -3.13
CA LEU A 108 -1.04 26.62 -4.11
C LEU A 108 0.00 27.60 -4.75
N PRO A 109 0.51 27.30 -5.95
CA PRO A 109 1.51 28.16 -6.56
C PRO A 109 0.78 29.34 -7.24
N ASP A 110 1.57 30.34 -7.61
CA ASP A 110 1.01 31.56 -8.24
C ASP A 110 1.50 31.63 -9.69
N THR A 111 1.20 32.71 -10.42
CA THR A 111 1.69 32.89 -11.77
C THR A 111 2.71 34.14 -11.91
N THR A 112 3.33 34.55 -10.80
CA THR A 112 4.29 35.62 -10.65
C THR A 112 5.66 35.20 -10.27
N HIS A 113 5.78 34.36 -9.26
CA HIS A 113 7.05 33.87 -8.83
C HIS A 113 7.43 32.52 -9.50
N VAL A 114 8.64 32.08 -9.24
CA VAL A 114 9.14 30.90 -9.93
C VAL A 114 8.28 29.76 -9.30
N PRO A 115 8.08 28.65 -10.02
CA PRO A 115 7.14 27.64 -9.52
C PRO A 115 7.52 27.02 -8.16
N SER A 116 8.78 27.04 -7.76
CA SER A 116 9.17 26.52 -6.42
C SER A 116 8.85 27.47 -5.20
N HIS A 117 8.34 28.68 -5.49
CA HIS A 117 8.19 29.79 -4.53
C HIS A 117 7.56 29.31 -3.22
N VAL A 118 6.40 28.69 -3.30
CA VAL A 118 5.64 28.27 -2.06
C VAL A 118 6.35 27.13 -1.33
N LEU A 119 7.03 26.26 -2.02
CA LEU A 119 7.79 25.19 -1.41
C LEU A 119 9.00 25.76 -0.67
N ASP A 120 9.74 26.65 -1.33
CA ASP A 120 10.91 27.34 -0.69
C ASP A 120 10.41 28.06 0.57
N LYS A 121 9.28 28.73 0.54
CA LYS A 121 8.77 29.41 1.72
C LYS A 121 8.48 28.44 2.86
N LEU A 122 7.80 27.34 2.56
CA LEU A 122 7.56 26.35 3.58
C LEU A 122 8.85 25.77 4.14
N MET A 123 9.82 25.41 3.30
N MET A 123 9.78 25.44 3.28
CA MET A 123 11.09 24.89 3.84
CA MET A 123 11.04 24.89 3.75
C MET A 123 11.76 25.91 4.78
C MET A 123 11.83 25.88 4.66
N GLU A 124 11.69 27.19 4.46
CA GLU A 124 12.30 28.20 5.37
C GLU A 124 11.59 28.29 6.68
N MET A 125 10.30 28.06 6.69
CA MET A 125 9.47 28.28 7.85
C MET A 125 9.46 27.02 8.75
N PHE A 126 9.51 25.83 8.19
CA PHE A 126 9.10 24.65 8.93
C PHE A 126 10.15 24.04 9.82
N GLY A 127 9.85 23.91 11.11
CA GLY A 127 10.92 23.38 12.00
C GLY A 127 10.69 22.01 12.56
N GLY A 128 9.66 21.36 12.13
CA GLY A 128 9.37 20.03 12.70
C GLY A 128 9.70 18.81 11.89
N TRP A 129 10.77 18.77 11.12
CA TRP A 129 11.04 17.55 10.31
C TRP A 129 11.38 16.33 11.11
N GLY A 130 11.83 16.49 12.36
CA GLY A 130 12.10 15.39 13.20
C GLY A 130 13.08 14.38 12.65
N ASP A 131 12.62 13.10 12.56
CA ASP A 131 13.45 12.03 12.07
C ASP A 131 13.37 11.79 10.55
N THR A 132 12.85 12.77 9.80
CA THR A 132 12.92 12.76 8.38
C THR A 132 14.36 12.73 7.91
N GLU A 133 14.63 11.96 6.88
CA GLU A 133 15.99 11.84 6.35
C GLU A 133 16.04 12.57 5.02
N PHE A 134 16.91 13.56 4.98
CA PHE A 134 17.13 14.31 3.80
C PHE A 134 18.38 13.81 3.09
N SER A 135 18.36 13.80 1.76
CA SER A 135 19.51 13.37 0.98
C SER A 135 19.49 14.00 -0.39
N SER A 136 20.55 13.80 -1.13
CA SER A 136 20.73 14.38 -2.52
C SER A 136 21.03 13.32 -3.47
N HIS A 137 20.73 13.52 -4.71
CA HIS A 137 21.22 12.65 -5.70
C HIS A 137 21.66 13.45 -6.93
N GLU A 138 22.86 13.20 -7.48
CA GLU A 138 23.35 14.01 -8.58
C GLU A 138 22.88 13.49 -9.90
N THR A 139 22.31 14.35 -10.71
CA THR A 139 21.86 14.00 -12.03
C THR A 139 22.73 14.74 -13.05
N ARG A 140 22.54 14.42 -14.34
CA ARG A 140 23.33 15.07 -15.34
C ARG A 140 22.94 16.58 -15.40
N ASN A 141 21.80 17.01 -14.88
CA ASN A 141 21.41 18.43 -14.89
C ASN A 141 21.41 19.12 -13.54
N GLY A 142 21.99 18.46 -12.54
CA GLY A 142 22.15 19.08 -11.27
C GLY A 142 21.68 18.17 -10.10
N THR A 143 21.86 18.74 -8.91
CA THR A 143 21.42 18.12 -7.69
C THR A 143 19.89 18.01 -7.63
N MET A 144 19.44 16.83 -7.20
CA MET A 144 18.02 16.54 -6.91
C MET A 144 17.95 16.18 -5.41
N SER A 145 17.21 16.97 -4.69
CA SER A 145 17.03 16.86 -3.28
C SER A 145 15.91 15.87 -3.00
N LEU A 146 16.12 14.98 -2.06
CA LEU A 146 15.18 13.88 -1.74
C LEU A 146 14.86 13.85 -0.28
N LEU A 147 13.75 13.24 0.06
CA LEU A 147 13.34 13.11 1.46
C LEU A 147 12.63 11.76 1.68
N LYS A 148 12.84 11.27 2.86
CA LYS A 148 12.12 10.09 3.35
C LYS A 148 11.65 10.36 4.72
N MET A 149 10.34 10.34 4.88
CA MET A 149 9.78 10.73 6.19
C MET A 149 10.24 9.73 7.26
N GLY A 150 10.38 10.22 8.51
CA GLY A 150 10.62 9.33 9.56
C GLY A 150 9.28 9.00 10.19
N PRO A 151 9.24 7.92 10.97
CA PRO A 151 7.98 7.51 11.46
C PRO A 151 7.52 8.41 12.63
N LYS A 152 8.46 8.96 13.42
CA LYS A 152 8.04 9.90 14.46
C LYS A 152 7.41 11.19 13.94
N PHE A 153 8.03 11.74 12.92
CA PHE A 153 7.54 12.80 12.09
C PHE A 153 6.18 12.53 11.56
N MET A 154 5.94 11.34 10.96
CA MET A 154 4.64 10.98 10.45
C MET A 154 3.58 11.02 11.46
N LYS A 155 3.88 10.42 12.60
CA LYS A 155 2.86 10.34 13.64
C LYS A 155 2.54 11.73 14.19
N ALA A 156 3.52 12.57 14.35
CA ALA A 156 3.28 13.84 15.03
C ALA A 156 2.70 14.95 14.14
N ARG A 157 3.14 14.95 12.89
CA ARG A 157 2.87 16.04 11.99
C ARG A 157 1.90 15.74 10.85
N LEU A 158 1.76 14.49 10.50
CA LEU A 158 0.79 14.12 9.41
C LEU A 158 -0.42 13.32 9.84
N TYR A 159 -0.22 12.34 10.72
CA TYR A 159 -1.29 11.36 11.03
C TYR A 159 -1.86 11.45 12.46
N GLN A 160 -1.69 12.60 13.14
CA GLN A 160 -1.92 12.61 14.60
C GLN A 160 -3.38 12.38 14.98
N ASN A 161 -4.28 12.61 14.04
CA ASN A 161 -5.70 12.35 14.23
C ASN A 161 -6.25 11.14 13.48
N CYS A 162 -5.35 10.33 12.92
CA CYS A 162 -5.80 9.15 12.21
C CYS A 162 -5.90 7.94 13.10
N PRO A 163 -6.75 6.96 12.72
CA PRO A 163 -6.81 5.71 13.42
C PRO A 163 -5.43 5.09 13.35
N ILE A 164 -5.08 4.36 14.42
CA ILE A 164 -3.76 3.77 14.45
C ILE A 164 -3.50 2.83 13.24
N GLU A 165 -4.51 2.09 12.75
CA GLU A 165 -4.35 1.23 11.59
C GLU A 165 -3.83 2.03 10.37
N ASP A 166 -4.36 3.24 10.16
CA ASP A 166 -3.92 4.06 9.04
C ASP A 166 -2.47 4.51 9.14
N TYR A 167 -2.01 4.80 10.32
CA TYR A 167 -0.66 5.05 10.54
C TYR A 167 0.23 3.79 10.25
N GLU A 168 -0.17 2.63 10.74
CA GLU A 168 0.53 1.38 10.51
C GLU A 168 0.63 1.11 8.99
N LEU A 169 -0.47 1.37 8.33
CA LEU A 169 -0.55 1.18 6.86
C LEU A 169 0.44 2.13 6.19
N ALA A 170 0.45 3.41 6.59
CA ALA A 170 1.44 4.34 6.03
C ALA A 170 2.83 3.99 6.29
N LYS A 171 3.12 3.49 7.51
CA LYS A 171 4.49 2.99 7.78
C LYS A 171 4.95 1.88 6.80
N MET A 172 4.01 1.05 6.33
CA MET A 172 4.31 0.00 5.43
C MET A 172 4.37 0.35 4.01
N LEU A 173 3.97 1.56 3.69
CA LEU A 173 3.90 1.98 2.28
C LEU A 173 4.57 3.27 1.86
N HIS A 174 4.94 4.13 2.78
CA HIS A 174 5.60 5.36 2.37
C HIS A 174 6.96 5.08 1.87
N ARG A 175 7.35 5.99 0.96
CA ARG A 175 8.56 5.91 0.22
C ARG A 175 9.39 7.18 0.13
N GLN A 176 10.66 7.00 -0.09
CA GLN A 176 11.52 8.19 -0.46
C GLN A 176 10.92 8.88 -1.71
N GLY A 177 10.86 10.20 -1.63
CA GLY A 177 10.28 11.08 -2.57
C GLY A 177 11.09 12.35 -2.75
N SER A 178 10.41 13.34 -3.34
CA SER A 178 11.05 14.59 -3.65
C SER A 178 10.03 15.65 -3.82
N PHE A 179 10.37 16.87 -3.46
CA PHE A 179 9.56 17.99 -3.86
C PHE A 179 10.14 18.74 -5.07
N PHE A 180 11.17 18.20 -5.75
CA PHE A 180 11.63 18.68 -7.03
C PHE A 180 11.99 20.18 -6.98
N THR A 181 12.52 20.64 -5.83
CA THR A 181 12.65 22.07 -5.60
C THR A 181 13.61 22.69 -6.67
N GLU A 182 14.72 22.04 -6.96
CA GLU A 182 15.67 22.56 -7.93
C GLU A 182 15.04 22.63 -9.31
N ASP A 183 14.38 21.53 -9.72
CA ASP A 183 13.73 21.49 -11.02
C ASP A 183 12.73 22.55 -11.10
N LEU A 184 11.92 22.73 -10.09
CA LEU A 184 10.81 23.70 -10.17
C LEU A 184 11.35 25.19 -10.21
N SER A 185 12.43 25.38 -9.52
CA SER A 185 13.15 26.67 -9.58
C SER A 185 13.63 27.09 -10.96
N LYS A 186 13.90 26.17 -11.86
CA LYS A 186 14.43 26.39 -13.18
C LYS A 186 13.28 26.43 -14.21
N LYS A 187 12.07 26.08 -13.80
CA LYS A 187 11.02 25.95 -14.76
C LYS A 187 10.38 27.31 -15.05
N GLU A 188 9.81 27.45 -16.23
CA GLU A 188 9.02 28.66 -16.53
C GLU A 188 7.84 28.90 -15.58
N LYS A 189 7.53 30.16 -15.26
CA LYS A 189 6.38 30.47 -14.43
C LYS A 189 5.08 29.80 -14.91
N PHE A 190 4.21 29.42 -14.00
CA PHE A 190 2.86 28.97 -14.47
C PHE A 190 2.16 30.13 -15.12
N SER A 191 1.32 29.84 -16.13
CA SER A 191 0.73 30.91 -16.93
C SER A 191 -0.65 31.36 -16.48
N GLU A 192 -0.99 32.62 -16.77
CA GLU A 192 -2.29 33.15 -16.57
C GLU A 192 -3.31 32.53 -17.52
N GLU A 193 -2.90 32.27 -18.73
CA GLU A 193 -3.80 31.80 -19.74
C GLU A 193 -4.14 30.34 -19.53
N GLY A 194 -3.23 29.56 -18.92
CA GLY A 194 -3.57 28.13 -18.61
C GLY A 194 -4.06 27.98 -17.21
N TYR A 195 -3.14 27.71 -16.32
CA TYR A 195 -3.46 27.50 -14.92
C TYR A 195 -4.31 28.63 -14.32
N GLY A 196 -3.93 29.89 -14.59
CA GLY A 196 -4.67 30.99 -13.92
C GLY A 196 -6.12 31.17 -14.40
N SER A 197 -6.50 30.55 -15.52
CA SER A 197 -7.82 30.63 -16.11
C SER A 197 -8.75 29.67 -15.51
N VAL A 198 -8.24 28.64 -14.80
CA VAL A 198 -9.09 27.56 -14.24
C VAL A 198 -9.70 27.95 -12.90
N GLN A 199 -10.95 27.58 -12.65
CA GLN A 199 -11.59 27.82 -11.33
C GLN A 199 -10.82 27.00 -10.27
N ARG A 200 -10.69 27.56 -9.07
CA ARG A 200 -9.96 26.90 -7.97
C ARG A 200 -10.57 27.20 -6.61
N VAL A 201 -10.54 26.25 -5.75
CA VAL A 201 -11.02 26.37 -4.43
C VAL A 201 -9.99 25.69 -3.51
N TYR A 202 -10.05 26.00 -2.19
CA TYR A 202 -9.13 25.50 -1.20
C TYR A 202 -9.90 24.73 -0.16
N VAL A 203 -9.46 23.53 0.24
CA VAL A 203 -10.08 22.82 1.34
C VAL A 203 -8.96 22.60 2.38
N MET A 204 -9.11 23.15 3.60
CA MET A 204 -8.11 23.02 4.62
C MET A 204 -8.67 22.29 5.86
N SER A 205 -7.75 21.56 6.51
CA SER A 205 -7.93 20.85 7.73
C SER A 205 -7.67 21.82 8.86
N SER A 206 -8.49 21.79 9.88
CA SER A 206 -8.23 22.80 11.02
C SER A 206 -7.09 22.37 11.89
N GLU A 207 -6.61 21.14 11.82
CA GLU A 207 -5.42 20.76 12.64
C GLU A 207 -4.26 20.18 11.79
N ASP A 208 -3.98 20.79 10.66
CA ASP A 208 -2.88 20.47 9.84
C ASP A 208 -1.59 20.87 10.50
N LYS A 209 -0.74 19.95 10.82
CA LYS A 209 0.48 20.29 11.57
C LYS A 209 1.74 20.36 10.69
N ILE A 210 1.55 20.21 9.37
CA ILE A 210 2.65 20.41 8.39
C ILE A 210 2.38 21.68 7.52
N ILE A 211 1.13 21.89 7.10
CA ILE A 211 0.72 23.07 6.33
C ILE A 211 -0.17 23.86 7.25
N PRO A 212 0.47 24.65 8.12
CA PRO A 212 -0.24 25.49 9.14
C PRO A 212 -1.22 26.38 8.55
N CYS A 213 -2.32 26.50 9.25
CA CYS A 213 -3.32 27.51 8.96
C CYS A 213 -2.81 28.94 8.49
N ASP A 214 -1.80 29.60 9.15
CA ASP A 214 -1.31 30.87 8.60
C ASP A 214 -0.62 30.78 7.27
N PHE A 215 0.10 29.71 7.03
CA PHE A 215 0.86 29.59 5.79
C PHE A 215 -0.13 29.51 4.60
N ILE A 216 -1.26 28.83 4.86
CA ILE A 216 -2.44 28.74 3.92
C ILE A 216 -2.97 30.10 3.60
N ARG A 217 -3.13 31.01 4.57
CA ARG A 217 -3.66 32.37 4.24
C ARG A 217 -2.67 33.16 3.49
N TRP A 218 -1.40 32.97 3.85
CA TRP A 218 -0.35 33.60 3.08
C TRP A 218 -0.46 33.13 1.63
N MET A 219 -0.48 31.77 1.41
CA MET A 219 -0.59 31.33 -0.03
C MET A 219 -1.86 31.94 -0.71
N ILE A 220 -2.99 31.83 -0.02
CA ILE A 220 -4.29 32.31 -0.65
C ILE A 220 -4.22 33.83 -0.85
N ASP A 221 -3.54 34.54 0.04
CA ASP A 221 -3.27 35.99 -0.22
C ASP A 221 -2.43 36.24 -1.40
N ASN A 222 -1.44 35.40 -1.67
CA ASN A 222 -0.62 35.61 -2.87
C ASN A 222 -1.37 35.28 -4.13
N PHE A 223 -2.34 34.41 -4.01
CA PHE A 223 -3.09 33.87 -5.18
C PHE A 223 -4.49 33.45 -4.79
N ASN A 224 -5.47 34.27 -5.06
CA ASN A 224 -6.79 34.07 -4.41
C ASN A 224 -7.54 32.84 -4.98
N VAL A 225 -8.49 32.32 -4.22
CA VAL A 225 -9.33 31.22 -4.69
C VAL A 225 -10.80 31.70 -4.67
N SER A 226 -11.71 30.95 -5.25
CA SER A 226 -13.12 31.33 -5.23
C SER A 226 -13.76 31.09 -3.89
N LYS A 227 -13.27 30.15 -3.13
CA LYS A 227 -13.94 29.71 -1.95
C LYS A 227 -12.98 28.79 -1.10
N VAL A 228 -13.13 28.86 0.22
CA VAL A 228 -12.29 28.08 1.13
C VAL A 228 -13.25 27.28 1.93
N TYR A 229 -12.98 25.99 2.09
CA TYR A 229 -13.78 25.09 2.87
C TYR A 229 -12.85 24.62 3.96
N GLU A 230 -13.41 24.40 5.14
CA GLU A 230 -12.62 24.03 6.32
C GLU A 230 -13.16 22.68 6.83
N ILE A 231 -12.28 21.72 7.09
CA ILE A 231 -12.72 20.45 7.68
C ILE A 231 -12.28 20.48 9.13
N ASP A 232 -13.28 20.48 9.95
CA ASP A 232 -13.06 20.52 11.40
C ASP A 232 -12.44 19.22 12.02
N GLY A 233 -11.33 19.34 12.68
CA GLY A 233 -10.70 18.15 13.31
C GLY A 233 -9.75 17.39 12.38
N GLY A 234 -9.64 17.79 11.10
CA GLY A 234 -8.74 17.06 10.16
C GLY A 234 -7.30 17.27 10.52
N ASP A 235 -6.50 16.19 10.45
CA ASP A 235 -5.06 16.36 10.37
C ASP A 235 -4.65 16.54 8.89
N HIS A 236 -3.35 16.57 8.58
CA HIS A 236 -2.94 16.72 7.22
C HIS A 236 -3.52 15.62 6.35
N MET A 237 -3.47 14.40 6.84
CA MET A 237 -3.99 13.22 6.09
C MET A 237 -5.51 13.08 6.24
N VAL A 238 -6.22 14.14 5.82
CA VAL A 238 -7.64 14.32 6.09
C VAL A 238 -8.48 13.29 5.37
N MET A 239 -7.99 12.74 4.26
CA MET A 239 -8.75 11.62 3.66
C MET A 239 -8.69 10.32 4.41
N LEU A 240 -7.78 10.24 5.38
CA LEU A 240 -7.73 9.16 6.33
C LEU A 240 -8.36 9.48 7.73
N SER A 241 -8.16 10.67 8.24
CA SER A 241 -8.72 11.00 9.57
C SER A 241 -10.18 11.39 9.54
N LYS A 242 -10.63 12.07 8.46
CA LYS A 242 -12.01 12.59 8.31
C LYS A 242 -12.58 12.40 6.89
N PRO A 243 -12.61 11.18 6.43
CA PRO A 243 -13.00 10.95 5.11
C PRO A 243 -14.45 11.35 4.85
N GLN A 244 -15.34 11.14 5.80
CA GLN A 244 -16.73 11.56 5.54
C GLN A 244 -16.88 13.10 5.46
N LYS A 245 -16.20 13.85 6.31
CA LYS A 245 -16.18 15.33 6.12
C LYS A 245 -15.53 15.81 4.85
N LEU A 246 -14.47 15.11 4.38
CA LEU A 246 -13.92 15.47 3.11
C LEU A 246 -14.89 15.17 1.98
N PHE A 247 -15.53 14.04 2.04
CA PHE A 247 -16.63 13.75 1.11
C PHE A 247 -17.70 14.84 1.11
N ASP A 248 -18.10 15.27 2.28
CA ASP A 248 -19.02 16.45 2.38
C ASP A 248 -18.52 17.67 1.65
N SER A 249 -17.25 18.06 1.80
CA SER A 249 -16.68 19.22 1.17
C SER A 249 -16.65 19.05 -0.30
N LEU A 250 -16.18 17.90 -0.77
CA LEU A 250 -16.18 17.70 -2.22
C LEU A 250 -17.60 17.61 -2.79
N SER A 251 -18.56 17.11 -2.05
CA SER A 251 -19.97 17.10 -2.56
C SER A 251 -20.52 18.53 -2.66
N ALA A 252 -20.20 19.40 -1.70
CA ALA A 252 -20.53 20.83 -1.80
C ALA A 252 -19.89 21.49 -3.05
N ILE A 253 -18.63 21.15 -3.30
CA ILE A 253 -17.94 21.70 -4.45
C ILE A 253 -18.59 21.23 -5.75
N ALA A 254 -18.95 19.97 -5.83
CA ALA A 254 -19.53 19.44 -7.03
C ALA A 254 -20.90 20.19 -7.30
N THR A 255 -21.65 20.37 -6.25
CA THR A 255 -22.92 21.13 -6.31
C THR A 255 -22.73 22.54 -6.77
N ASP A 256 -21.75 23.23 -6.23
CA ASP A 256 -21.31 24.49 -6.81
C ASP A 256 -20.86 24.58 -8.31
N TYR A 257 -20.42 23.49 -8.96
CA TYR A 257 -20.03 23.48 -10.41
C TYR A 257 -20.92 22.53 -11.16
N MET A 258 -22.21 22.52 -10.82
CA MET A 258 -23.24 21.71 -11.52
C MET A 258 -23.06 21.59 -13.05
N GLY A 259 -22.52 20.43 -13.50
CA GLY A 259 -21.82 20.30 -14.80
C GLY A 259 -22.67 19.77 -15.94
N MET B 1 1.85 -10.20 34.48
CA MET B 1 1.65 -10.12 33.00
C MET B 1 2.25 -11.42 32.41
N GLU B 2 1.44 -12.14 31.65
CA GLU B 2 1.97 -13.26 30.84
C GLU B 2 3.06 -12.72 29.86
N ARG B 3 4.12 -13.47 29.63
CA ARG B 3 5.20 -12.93 28.77
C ARG B 3 4.60 -12.98 27.30
N LYS B 4 5.05 -12.05 26.52
CA LYS B 4 4.49 -11.78 25.18
C LYS B 4 5.44 -12.37 24.14
N HIS B 5 5.15 -12.28 22.86
CA HIS B 5 5.87 -12.96 21.89
C HIS B 5 6.20 -11.99 20.77
N HIS B 6 7.07 -12.47 19.91
CA HIS B 6 7.36 -11.71 18.69
C HIS B 6 6.78 -12.53 17.56
N PHE B 7 5.78 -11.91 16.87
CA PHE B 7 5.14 -12.46 15.72
C PHE B 7 5.83 -11.98 14.46
N VAL B 8 6.15 -12.88 13.53
CA VAL B 8 6.65 -12.50 12.21
C VAL B 8 5.58 -12.90 11.25
N LEU B 9 5.07 -11.94 10.51
CA LEU B 9 3.97 -12.14 9.60
C LEU B 9 4.44 -12.10 8.16
N VAL B 10 3.95 -13.08 7.37
CA VAL B 10 4.39 -13.30 5.97
C VAL B 10 3.16 -13.32 5.14
N HIS B 11 3.13 -12.36 4.25
CA HIS B 11 2.03 -12.16 3.28
C HIS B 11 2.05 -13.20 2.11
N ASN B 12 0.98 -13.14 1.35
CA ASN B 12 0.65 -14.08 0.23
C ASN B 12 1.19 -13.45 -1.10
N ALA B 13 1.18 -14.29 -2.15
CA ALA B 13 1.70 -13.83 -3.45
C ALA B 13 0.76 -12.71 -3.97
N CYS B 14 1.39 -11.76 -4.61
CA CYS B 14 0.68 -10.61 -5.29
C CYS B 14 0.27 -9.53 -4.29
N HIS B 15 0.57 -9.69 -3.01
CA HIS B 15 0.32 -8.74 -1.99
C HIS B 15 1.58 -8.34 -1.28
N GLY B 16 1.49 -7.72 -0.10
CA GLY B 16 2.74 -7.27 0.59
C GLY B 16 2.40 -7.05 2.06
N ALA B 17 3.36 -6.45 2.78
CA ALA B 17 3.26 -6.27 4.20
C ALA B 17 2.01 -5.53 4.57
N TRP B 18 1.52 -4.63 3.70
CA TRP B 18 0.39 -3.86 3.97
C TRP B 18 -0.88 -4.63 4.39
N ILE B 19 -1.01 -5.85 3.96
CA ILE B 19 -2.21 -6.59 4.32
C ILE B 19 -2.40 -6.77 5.86
N TRP B 20 -1.32 -6.58 6.62
CA TRP B 20 -1.39 -6.79 8.03
C TRP B 20 -1.68 -5.49 8.76
N TYR B 21 -2.10 -4.42 8.07
CA TYR B 21 -2.21 -3.14 8.74
C TYR B 21 -3.22 -3.05 9.90
N LYS B 22 -4.27 -3.89 9.86
CA LYS B 22 -5.25 -4.05 10.91
C LYS B 22 -4.77 -4.96 12.08
N LEU B 23 -4.09 -6.05 11.75
CA LEU B 23 -3.74 -7.04 12.71
C LEU B 23 -2.59 -6.52 13.54
N LYS B 24 -1.64 -5.88 12.90
CA LYS B 24 -0.40 -5.45 13.59
C LYS B 24 -0.68 -4.58 14.85
N PRO B 25 -1.47 -3.56 14.75
CA PRO B 25 -1.76 -2.77 16.02
C PRO B 25 -2.54 -3.55 17.09
N LEU B 26 -3.36 -4.51 16.70
CA LEU B 26 -4.05 -5.28 17.65
C LEU B 26 -3.04 -6.15 18.48
N LEU B 27 -2.15 -6.80 17.77
CA LEU B 27 -1.13 -7.53 18.42
C LEU B 27 -0.22 -6.66 19.31
N GLU B 28 0.19 -5.52 18.79
CA GLU B 28 1.05 -4.58 19.57
C GLU B 28 0.33 -3.97 20.76
N SER B 29 -0.98 -3.68 20.68
CA SER B 29 -1.70 -3.23 21.85
C SER B 29 -1.76 -4.24 22.94
N ALA B 30 -1.76 -5.51 22.61
CA ALA B 30 -1.74 -6.55 23.60
C ALA B 30 -0.33 -6.81 24.19
N GLY B 31 0.69 -6.07 23.80
CA GLY B 31 2.05 -6.21 24.28
C GLY B 31 3.02 -6.95 23.45
N HIS B 32 2.57 -7.51 22.30
CA HIS B 32 3.45 -8.34 21.48
C HIS B 32 4.27 -7.45 20.53
N ARG B 33 5.31 -8.02 20.03
CA ARG B 33 6.14 -7.40 18.94
C ARG B 33 5.79 -8.02 17.64
N VAL B 34 5.74 -7.19 16.57
CA VAL B 34 5.33 -7.70 15.32
C VAL B 34 6.27 -7.22 14.21
N THR B 35 6.73 -8.14 13.34
CA THR B 35 7.52 -7.76 12.17
C THR B 35 6.75 -8.23 10.95
N ALA B 36 6.31 -7.31 10.11
CA ALA B 36 5.55 -7.66 8.89
C ALA B 36 6.56 -7.63 7.70
N VAL B 37 7.00 -8.78 7.25
CA VAL B 37 8.08 -8.90 6.24
C VAL B 37 7.52 -8.42 4.88
N GLU B 38 8.32 -7.77 4.09
CA GLU B 38 7.93 -7.47 2.68
C GLU B 38 8.80 -8.38 1.83
N LEU B 39 8.21 -9.36 1.18
CA LEU B 39 8.97 -10.27 0.30
C LEU B 39 9.45 -9.54 -1.01
N ALA B 40 10.29 -10.22 -1.78
CA ALA B 40 10.90 -9.59 -2.90
C ALA B 40 9.78 -9.33 -3.96
N ALA B 41 9.90 -8.19 -4.63
CA ALA B 41 8.97 -7.79 -5.67
C ALA B 41 7.53 -7.70 -5.19
N SER B 42 7.34 -7.42 -3.87
CA SER B 42 6.05 -7.40 -3.28
C SER B 42 5.86 -6.02 -2.66
N GLY B 43 4.64 -5.59 -2.56
CA GLY B 43 4.35 -4.36 -1.88
C GLY B 43 5.14 -3.17 -2.51
N ILE B 44 5.88 -2.43 -1.72
CA ILE B 44 6.73 -1.38 -2.22
C ILE B 44 8.20 -1.82 -2.50
N ASP B 45 8.48 -3.10 -2.47
CA ASP B 45 9.80 -3.63 -2.83
C ASP B 45 10.08 -3.10 -4.27
N PRO B 46 11.33 -2.55 -4.45
CA PRO B 46 11.61 -1.84 -5.66
C PRO B 46 11.85 -2.81 -6.87
N ARG B 47 11.97 -4.12 -6.69
CA ARG B 47 12.10 -4.96 -7.85
C ARG B 47 10.76 -5.36 -8.54
N PRO B 48 10.74 -5.56 -9.89
CA PRO B 48 9.67 -6.23 -10.48
C PRO B 48 9.75 -7.75 -10.23
N ILE B 49 8.67 -8.48 -10.32
CA ILE B 49 8.70 -9.95 -10.13
C ILE B 49 9.65 -10.64 -11.19
N GLN B 50 9.76 -10.03 -12.37
CA GLN B 50 10.66 -10.51 -13.45
C GLN B 50 12.10 -10.60 -13.02
N ALA B 51 12.49 -9.83 -12.02
CA ALA B 51 13.88 -9.86 -11.53
C ALA B 51 14.08 -10.90 -10.39
N VAL B 52 13.02 -11.51 -9.96
CA VAL B 52 13.05 -12.41 -8.79
C VAL B 52 12.76 -13.82 -9.38
N GLU B 53 13.79 -14.48 -9.67
CA GLU B 53 13.60 -15.65 -10.59
C GLU B 53 13.39 -16.94 -9.89
N THR B 54 13.61 -17.01 -8.61
CA THR B 54 13.47 -18.29 -7.80
C THR B 54 12.75 -17.99 -6.51
N VAL B 55 12.21 -19.04 -5.89
CA VAL B 55 11.51 -18.89 -4.63
C VAL B 55 12.48 -18.51 -3.49
N ASP B 56 13.75 -18.95 -3.59
CA ASP B 56 14.76 -18.58 -2.63
C ASP B 56 15.03 -17.04 -2.65
N GLU B 57 15.00 -16.46 -3.87
CA GLU B 57 15.19 -15.05 -3.99
C GLU B 57 13.94 -14.32 -3.42
N TYR B 58 12.80 -14.84 -3.76
CA TYR B 58 11.52 -14.28 -3.28
C TYR B 58 11.46 -14.23 -1.73
N SER B 59 11.95 -15.31 -1.13
CA SER B 59 11.91 -15.48 0.31
C SER B 59 12.99 -14.85 1.06
N LYS B 60 14.00 -14.32 0.39
CA LYS B 60 15.20 -13.80 1.03
C LYS B 60 14.92 -12.78 2.14
N PRO B 61 13.97 -11.86 1.99
CA PRO B 61 13.80 -10.92 3.11
C PRO B 61 13.28 -11.63 4.42
N LEU B 62 12.59 -12.73 4.30
CA LEU B 62 12.20 -13.46 5.50
C LEU B 62 13.43 -14.17 6.12
N ILE B 63 14.22 -14.79 5.28
CA ILE B 63 15.44 -15.42 5.77
C ILE B 63 16.34 -14.39 6.48
N GLU B 64 16.49 -13.20 5.89
CA GLU B 64 17.25 -12.15 6.52
C GLU B 64 16.72 -11.66 7.85
N THR B 65 15.39 -11.50 7.94
CA THR B 65 14.71 -11.20 9.17
C THR B 65 15.06 -12.23 10.26
N LEU B 66 14.98 -13.48 9.93
CA LEU B 66 15.25 -14.49 10.96
C LEU B 66 16.74 -14.49 11.30
N LYS B 67 17.56 -14.31 10.32
CA LYS B 67 19.01 -14.37 10.53
C LYS B 67 19.43 -13.27 11.52
N SER B 68 18.82 -12.12 11.40
CA SER B 68 19.13 -10.87 12.19
C SER B 68 18.58 -10.96 13.65
N LEU B 69 17.77 -11.98 14.01
CA LEU B 69 17.22 -11.94 15.37
C LEU B 69 18.38 -12.23 16.39
N PRO B 70 18.30 -11.62 17.57
CA PRO B 70 19.33 -11.92 18.65
C PRO B 70 19.34 -13.45 19.02
N GLU B 71 20.45 -13.83 19.60
N GLU B 71 20.50 -13.97 19.39
CA GLU B 71 20.70 -15.19 20.06
CA GLU B 71 20.62 -15.43 19.58
C GLU B 71 19.50 -15.72 20.87
C GLU B 71 19.65 -15.80 20.75
N ASN B 72 19.06 -16.97 20.57
CA ASN B 72 17.99 -17.58 21.38
C ASN B 72 16.64 -16.94 21.31
N GLU B 73 16.43 -15.89 20.52
CA GLU B 73 15.10 -15.50 20.33
C GLU B 73 14.39 -16.46 19.38
N GLU B 74 13.13 -16.69 19.67
CA GLU B 74 12.25 -17.52 18.93
C GLU B 74 10.96 -16.73 18.60
N VAL B 75 10.41 -16.98 17.44
CA VAL B 75 9.26 -16.23 17.05
C VAL B 75 8.06 -17.15 16.76
N ILE B 76 6.87 -16.55 16.71
CA ILE B 76 5.67 -17.14 16.16
C ILE B 76 5.64 -16.68 14.68
N LEU B 77 5.85 -17.63 13.82
CA LEU B 77 6.00 -17.34 12.40
C LEU B 77 4.63 -17.68 11.66
N VAL B 78 4.01 -16.67 11.09
CA VAL B 78 2.66 -16.76 10.50
C VAL B 78 2.85 -16.58 8.99
N GLY B 79 2.44 -17.61 8.27
CA GLY B 79 2.49 -17.67 6.81
C GLY B 79 1.09 -17.67 6.31
N PHE B 80 0.80 -16.74 5.42
CA PHE B 80 -0.55 -16.62 4.82
C PHE B 80 -0.55 -17.05 3.37
N SER B 81 -1.43 -17.99 3.03
CA SER B 81 -1.61 -18.53 1.57
C SER B 81 -0.27 -19.10 1.00
N PHE B 82 0.28 -18.57 -0.10
CA PHE B 82 1.67 -18.94 -0.51
C PHE B 82 2.72 -18.67 0.54
N GLY B 83 2.45 -17.81 1.53
CA GLY B 83 3.35 -17.62 2.69
C GLY B 83 3.51 -18.91 3.51
N GLY B 84 2.65 -19.94 3.37
CA GLY B 84 2.94 -21.28 3.97
C GLY B 84 4.18 -21.90 3.40
N ILE B 85 4.40 -21.77 2.09
CA ILE B 85 5.59 -22.20 1.48
C ILE B 85 6.83 -21.44 1.94
N ASN B 86 6.71 -20.10 2.00
CA ASN B 86 7.86 -19.33 2.45
C ASN B 86 8.27 -19.72 3.91
N ILE B 87 7.29 -19.93 4.75
CA ILE B 87 7.64 -20.19 6.15
C ILE B 87 8.24 -21.62 6.36
N ALA B 88 7.79 -22.57 5.51
CA ALA B 88 8.43 -23.85 5.45
C ALA B 88 9.87 -23.76 5.00
N LEU B 89 10.13 -22.97 3.97
CA LEU B 89 11.53 -22.79 3.50
C LEU B 89 12.39 -22.16 4.61
N ALA B 90 11.81 -21.20 5.31
CA ALA B 90 12.48 -20.65 6.45
C ALA B 90 12.76 -21.56 7.61
N ALA B 91 11.80 -22.45 7.89
CA ALA B 91 11.91 -23.42 8.99
C ALA B 91 12.95 -24.45 8.68
N ASP B 92 13.23 -24.70 7.38
CA ASP B 92 14.24 -25.68 7.02
C ASP B 92 15.64 -25.05 7.19
N ILE B 93 15.77 -23.74 7.29
CA ILE B 93 17.02 -23.07 7.55
C ILE B 93 17.27 -22.63 9.04
N PHE B 94 16.27 -22.17 9.73
CA PHE B 94 16.39 -21.69 11.07
C PHE B 94 15.30 -22.32 11.97
N PRO B 95 15.22 -23.66 12.02
CA PRO B 95 14.18 -24.24 12.83
C PRO B 95 14.21 -23.80 14.31
N ALA B 96 15.37 -23.57 14.84
CA ALA B 96 15.48 -23.28 16.29
C ALA B 96 15.06 -21.83 16.65
N LYS B 97 14.84 -21.02 15.61
CA LYS B 97 14.36 -19.63 15.83
C LYS B 97 12.85 -19.52 15.78
N ILE B 98 12.19 -20.66 15.54
CA ILE B 98 10.75 -20.66 15.40
C ILE B 98 10.06 -21.47 16.51
N LYS B 99 9.29 -20.80 17.32
CA LYS B 99 8.50 -21.45 18.39
C LYS B 99 7.43 -22.25 17.82
N VAL B 100 6.63 -21.65 16.92
CA VAL B 100 5.57 -22.44 16.23
C VAL B 100 5.30 -21.76 14.84
N LEU B 101 5.14 -22.60 13.84
CA LEU B 101 4.66 -22.14 12.54
C LEU B 101 3.09 -22.07 12.53
N VAL B 102 2.52 -20.90 12.04
CA VAL B 102 1.14 -20.72 11.92
C VAL B 102 0.73 -20.66 10.47
N PHE B 103 0.04 -21.69 9.98
CA PHE B 103 -0.35 -21.79 8.59
C PHE B 103 -1.70 -21.17 8.53
N LEU B 104 -1.77 -19.95 8.04
CA LEU B 104 -3.02 -19.23 8.00
C LEU B 104 -3.64 -19.24 6.56
N ASN B 105 -4.74 -19.98 6.39
CA ASN B 105 -5.34 -20.17 5.05
C ASN B 105 -4.21 -20.43 4.01
N ALA B 106 -3.28 -21.32 4.37
CA ALA B 106 -2.05 -21.51 3.73
C ALA B 106 -1.80 -22.87 3.10
N PHE B 107 -0.84 -22.87 2.15
CA PHE B 107 -0.26 -24.14 1.66
C PHE B 107 0.61 -24.73 2.73
N LEU B 108 0.31 -26.00 3.07
CA LEU B 108 0.99 -26.74 4.09
C LEU B 108 1.77 -27.85 3.40
N PRO B 109 3.03 -27.62 3.09
CA PRO B 109 3.76 -28.70 2.40
C PRO B 109 4.24 -29.82 3.31
N ASP B 110 4.74 -30.90 2.71
CA ASP B 110 5.09 -32.07 3.53
C ASP B 110 6.58 -32.34 3.32
N THR B 111 7.08 -33.44 3.91
CA THR B 111 8.46 -33.75 3.69
C THR B 111 8.68 -34.99 2.80
N THR B 112 7.64 -35.46 2.13
CA THR B 112 7.64 -36.69 1.31
C THR B 112 7.62 -36.42 -0.17
N HIS B 113 6.84 -35.40 -0.61
CA HIS B 113 6.72 -35.04 -2.00
C HIS B 113 7.54 -33.81 -2.32
N VAL B 114 7.65 -33.55 -3.61
CA VAL B 114 8.38 -32.31 -4.02
C VAL B 114 7.68 -31.12 -3.37
N PRO B 115 8.41 -30.01 -3.25
CA PRO B 115 7.78 -28.91 -2.43
C PRO B 115 6.59 -28.24 -3.13
N SER B 116 6.42 -28.46 -4.42
CA SER B 116 5.32 -27.92 -5.18
C SER B 116 4.03 -28.74 -5.04
N HIS B 117 4.09 -29.87 -4.36
CA HIS B 117 3.05 -30.87 -4.40
C HIS B 117 1.73 -30.33 -4.01
N VAL B 118 1.60 -29.60 -2.89
CA VAL B 118 0.23 -29.12 -2.50
C VAL B 118 -0.32 -28.03 -3.40
N LEU B 119 0.54 -27.20 -3.99
CA LEU B 119 0.17 -26.20 -5.01
C LEU B 119 -0.34 -26.89 -6.26
N ASP B 120 0.43 -27.88 -6.78
CA ASP B 120 0.10 -28.56 -8.04
C ASP B 120 -1.29 -29.18 -7.86
N LYS B 121 -1.53 -29.68 -6.68
CA LYS B 121 -2.76 -30.35 -6.36
C LYS B 121 -3.94 -29.41 -6.35
N LEU B 122 -3.78 -28.23 -5.71
CA LEU B 122 -4.81 -27.24 -5.82
C LEU B 122 -4.99 -26.73 -7.26
N MET B 123 -3.91 -26.48 -8.00
CA MET B 123 -3.99 -25.80 -9.32
C MET B 123 -4.81 -26.64 -10.27
N GLU B 124 -4.75 -27.96 -10.09
CA GLU B 124 -5.47 -28.91 -10.95
C GLU B 124 -6.94 -28.83 -10.80
N MET B 125 -7.44 -28.42 -9.66
CA MET B 125 -8.86 -28.41 -9.42
C MET B 125 -9.37 -27.00 -9.00
N PHE B 126 -8.71 -25.92 -9.39
CA PHE B 126 -8.84 -24.62 -8.69
C PHE B 126 -10.18 -23.89 -8.88
N GLY B 127 -10.88 -24.19 -9.94
CA GLY B 127 -12.03 -23.40 -10.23
C GLY B 127 -11.63 -22.21 -11.09
N GLY B 128 -12.44 -21.18 -11.03
CA GLY B 128 -12.32 -20.12 -12.14
C GLY B 128 -11.17 -19.19 -11.77
N TRP B 129 -10.30 -18.77 -12.70
CA TRP B 129 -9.47 -17.63 -12.37
C TRP B 129 -10.07 -16.31 -12.78
N GLY B 130 -11.25 -16.32 -13.43
CA GLY B 130 -11.88 -15.09 -13.83
C GLY B 130 -11.12 -14.20 -14.75
N ASP B 131 -10.98 -12.95 -14.33
CA ASP B 131 -10.21 -11.95 -15.09
C ASP B 131 -8.68 -11.79 -14.78
N THR B 132 -8.15 -12.81 -14.14
CA THR B 132 -6.73 -12.89 -13.83
C THR B 132 -5.94 -13.03 -15.11
N GLU B 133 -4.85 -12.32 -15.19
CA GLU B 133 -4.00 -12.27 -16.42
C GLU B 133 -2.76 -13.13 -16.14
N PHE B 134 -2.54 -14.09 -17.00
CA PHE B 134 -1.37 -15.01 -16.93
C PHE B 134 -0.33 -14.63 -17.97
N SER B 135 0.95 -14.70 -17.62
CA SER B 135 2.00 -14.40 -18.53
C SER B 135 3.23 -15.16 -18.13
N SER B 136 4.16 -15.20 -19.05
CA SER B 136 5.42 -16.02 -18.89
C SER B 136 6.60 -15.10 -18.93
N HIS B 137 7.67 -15.46 -18.24
CA HIS B 137 8.85 -14.67 -18.39
C HIS B 137 10.02 -15.68 -18.47
N GLU B 138 10.78 -15.69 -19.55
N GLU B 138 10.84 -15.55 -19.50
CA GLU B 138 11.86 -16.64 -19.69
CA GLU B 138 11.99 -16.39 -19.73
C GLU B 138 13.15 -16.13 -19.04
C GLU B 138 13.18 -16.03 -18.90
N THR B 139 13.78 -17.00 -18.25
CA THR B 139 14.97 -16.66 -17.49
C THR B 139 16.05 -17.77 -17.58
N ARG B 140 17.23 -17.50 -17.05
CA ARG B 140 18.29 -18.52 -16.99
C ARG B 140 17.93 -19.68 -16.10
N ASN B 141 16.90 -19.51 -15.24
CA ASN B 141 16.31 -20.54 -14.39
C ASN B 141 15.15 -21.24 -15.04
N GLY B 142 14.84 -20.92 -16.29
CA GLY B 142 13.72 -21.55 -17.01
C GLY B 142 12.60 -20.51 -17.16
N THR B 143 11.46 -20.97 -17.44
CA THR B 143 10.30 -20.11 -17.66
C THR B 143 9.45 -19.86 -16.37
N MET B 144 9.17 -18.59 -16.04
CA MET B 144 8.49 -18.24 -14.74
C MET B 144 7.04 -18.06 -15.17
N SER B 145 6.12 -18.65 -14.47
CA SER B 145 4.68 -18.37 -14.71
C SER B 145 4.28 -17.23 -13.76
N LEU B 146 3.86 -16.15 -14.36
CA LEU B 146 3.40 -14.96 -13.65
C LEU B 146 1.89 -14.84 -13.66
N LEU B 147 1.34 -14.19 -12.63
CA LEU B 147 -0.05 -13.82 -12.68
C LEU B 147 -0.31 -12.48 -12.08
N LYS B 148 -1.34 -11.84 -12.59
CA LYS B 148 -1.84 -10.62 -12.02
C LYS B 148 -3.33 -10.77 -11.85
N MET B 149 -3.78 -10.70 -10.62
CA MET B 149 -5.20 -10.89 -10.27
C MET B 149 -6.03 -9.88 -11.01
N GLY B 150 -7.23 -10.32 -11.42
CA GLY B 150 -8.12 -9.34 -11.95
C GLY B 150 -9.04 -8.86 -10.85
N PRO B 151 -9.65 -7.74 -11.06
CA PRO B 151 -10.46 -7.19 -9.94
C PRO B 151 -11.77 -7.95 -9.68
N LYS B 152 -12.33 -8.58 -10.71
CA LYS B 152 -13.54 -9.31 -10.42
C LYS B 152 -13.26 -10.58 -9.62
N PHE B 153 -12.17 -11.23 -10.00
CA PHE B 153 -11.65 -12.36 -9.27
C PHE B 153 -11.29 -12.06 -7.85
N MET B 154 -10.63 -10.94 -7.58
CA MET B 154 -10.38 -10.53 -6.21
C MET B 154 -11.66 -10.38 -5.39
N LYS B 155 -12.63 -9.69 -5.97
CA LYS B 155 -13.86 -9.39 -5.27
C LYS B 155 -14.61 -10.66 -4.96
N ALA B 156 -14.66 -11.56 -5.94
CA ALA B 156 -15.49 -12.72 -5.77
C ALA B 156 -14.84 -13.76 -4.84
N ARG B 157 -13.53 -13.96 -4.98
CA ARG B 157 -12.87 -15.15 -4.42
C ARG B 157 -11.91 -14.88 -3.32
N LEU B 158 -11.42 -13.65 -3.12
CA LEU B 158 -10.50 -13.32 -2.05
C LEU B 158 -11.09 -12.39 -0.94
N TYR B 159 -11.84 -11.38 -1.38
CA TYR B 159 -12.23 -10.24 -0.60
C TYR B 159 -13.74 -10.21 -0.38
N GLN B 160 -14.46 -11.33 -0.60
CA GLN B 160 -15.92 -11.23 -0.61
C GLN B 160 -16.56 -10.82 0.70
N ASN B 161 -15.90 -11.05 1.81
CA ASN B 161 -16.36 -10.62 3.12
C ASN B 161 -15.64 -9.42 3.73
N CYS B 162 -14.90 -8.71 2.90
CA CYS B 162 -14.10 -7.58 3.37
C CYS B 162 -14.87 -6.26 3.09
N PRO B 163 -14.72 -5.27 3.99
CA PRO B 163 -15.20 -3.97 3.74
C PRO B 163 -14.76 -3.43 2.39
N ILE B 164 -15.64 -2.60 1.76
CA ILE B 164 -15.37 -2.11 0.40
C ILE B 164 -14.04 -1.32 0.41
N GLU B 165 -13.74 -0.65 1.49
CA GLU B 165 -12.51 0.13 1.58
C GLU B 165 -11.28 -0.78 1.43
N ASP B 166 -11.32 -1.98 2.03
CA ASP B 166 -10.17 -2.87 1.91
C ASP B 166 -10.02 -3.39 0.54
N TYR B 167 -11.15 -3.65 -0.11
CA TYR B 167 -11.10 -4.07 -1.47
C TYR B 167 -10.49 -2.96 -2.38
N GLU B 168 -10.90 -1.74 -2.16
CA GLU B 168 -10.33 -0.62 -2.97
C GLU B 168 -8.85 -0.45 -2.69
N LEU B 169 -8.48 -0.58 -1.42
CA LEU B 169 -7.05 -0.54 -1.06
C LEU B 169 -6.30 -1.60 -1.82
N ALA B 170 -6.79 -2.84 -1.79
CA ALA B 170 -6.11 -3.95 -2.49
C ALA B 170 -6.01 -3.62 -3.98
N LYS B 171 -7.12 -3.08 -4.59
CA LYS B 171 -6.98 -2.73 -6.01
C LYS B 171 -5.84 -1.77 -6.31
N MET B 172 -5.54 -0.92 -5.38
CA MET B 172 -4.49 0.08 -5.54
C MET B 172 -3.07 -0.43 -5.23
N LEU B 173 -2.97 -1.63 -4.66
CA LEU B 173 -1.68 -2.12 -4.17
C LEU B 173 -1.25 -3.50 -4.67
N HIS B 174 -2.16 -4.31 -5.18
CA HIS B 174 -1.79 -5.65 -5.60
C HIS B 174 -0.89 -5.54 -6.85
N ARG B 175 -0.02 -6.51 -7.01
CA ARG B 175 0.97 -6.53 -8.04
C ARG B 175 1.01 -7.90 -8.76
N GLN B 176 1.59 -7.89 -9.94
CA GLN B 176 1.98 -9.16 -10.60
C GLN B 176 2.95 -9.94 -9.74
N GLY B 177 2.69 -11.23 -9.61
CA GLY B 177 3.47 -12.20 -8.74
C GLY B 177 3.69 -13.50 -9.42
N SER B 178 4.04 -14.50 -8.61
CA SER B 178 4.24 -15.84 -9.10
C SER B 178 4.11 -16.79 -7.96
N PHE B 179 3.62 -17.99 -8.23
CA PHE B 179 3.75 -19.09 -7.22
C PHE B 179 4.99 -19.96 -7.42
N PHE B 180 5.87 -19.68 -8.38
CA PHE B 180 7.15 -20.32 -8.45
C PHE B 180 7.02 -21.89 -8.56
N THR B 181 5.95 -22.38 -9.22
CA THR B 181 5.62 -23.76 -9.16
C THR B 181 6.69 -24.60 -9.88
N GLU B 182 7.23 -24.08 -10.99
CA GLU B 182 8.37 -24.76 -11.66
C GLU B 182 9.60 -24.87 -10.75
N ASP B 183 10.01 -23.76 -10.09
CA ASP B 183 11.18 -23.75 -9.28
C ASP B 183 10.95 -24.70 -8.09
N LEU B 184 9.75 -24.68 -7.54
CA LEU B 184 9.46 -25.52 -6.38
C LEU B 184 9.51 -26.98 -6.76
N SER B 185 9.05 -27.33 -7.98
CA SER B 185 9.02 -28.76 -8.34
C SER B 185 10.41 -29.37 -8.55
N LYS B 186 11.44 -28.57 -8.72
CA LYS B 186 12.76 -29.10 -8.83
C LYS B 186 13.62 -28.90 -7.58
N LYS B 187 13.06 -28.34 -6.50
CA LYS B 187 13.83 -28.12 -5.32
C LYS B 187 13.85 -29.39 -4.53
N GLU B 188 14.90 -29.59 -3.76
CA GLU B 188 14.93 -30.66 -2.78
C GLU B 188 13.78 -30.57 -1.83
N LYS B 189 13.25 -31.75 -1.47
CA LYS B 189 12.10 -31.89 -0.58
C LYS B 189 12.45 -31.24 0.74
N PHE B 190 11.46 -30.68 1.44
CA PHE B 190 11.67 -30.11 2.75
C PHE B 190 12.16 -31.21 3.69
N SER B 191 13.09 -30.92 4.62
CA SER B 191 13.66 -31.95 5.48
C SER B 191 12.80 -32.26 6.76
N GLU B 192 12.83 -33.51 7.24
CA GLU B 192 12.24 -33.89 8.52
C GLU B 192 13.00 -33.28 9.69
N GLU B 193 14.32 -33.07 9.57
CA GLU B 193 15.12 -32.56 10.67
C GLU B 193 14.98 -31.06 10.85
N GLY B 194 14.81 -30.34 9.72
CA GLY B 194 14.56 -28.92 9.76
C GLY B 194 13.08 -28.60 9.93
N TYR B 195 12.45 -28.34 8.82
CA TYR B 195 11.02 -28.04 8.79
C TYR B 195 10.16 -29.01 9.60
N GLY B 196 10.39 -30.32 9.40
CA GLY B 196 9.58 -31.26 10.08
C GLY B 196 9.69 -31.27 11.58
N SER B 197 10.72 -30.65 12.16
CA SER B 197 10.92 -30.69 13.58
C SER B 197 10.20 -29.57 14.29
N VAL B 198 9.62 -28.60 13.57
CA VAL B 198 9.16 -27.38 14.16
C VAL B 198 7.62 -27.54 14.47
N GLN B 199 7.13 -27.07 15.61
CA GLN B 199 5.73 -27.12 15.91
C GLN B 199 4.90 -26.29 14.90
N ARG B 200 3.74 -26.80 14.57
CA ARG B 200 2.86 -26.17 13.57
C ARG B 200 1.42 -26.24 14.00
N VAL B 201 0.65 -25.26 13.64
CA VAL B 201 -0.79 -25.21 13.80
C VAL B 201 -1.37 -24.63 12.53
N TYR B 202 -2.66 -24.82 12.31
CA TYR B 202 -3.30 -24.36 11.12
C TYR B 202 -4.45 -23.51 11.57
N VAL B 203 -4.61 -22.34 10.92
CA VAL B 203 -5.72 -21.48 11.18
C VAL B 203 -6.54 -21.36 9.85
N MET B 204 -7.80 -21.70 9.83
CA MET B 204 -8.59 -21.62 8.61
C MET B 204 -9.76 -20.73 8.74
N SER B 205 -10.14 -20.11 7.63
CA SER B 205 -11.37 -19.33 7.55
C SER B 205 -12.47 -20.23 7.06
N SER B 206 -13.69 -20.04 7.52
CA SER B 206 -14.84 -20.91 7.07
C SER B 206 -15.33 -20.61 5.71
N GLU B 207 -15.11 -19.41 5.20
CA GLU B 207 -15.57 -18.95 3.86
C GLU B 207 -14.43 -18.54 2.93
N ASP B 208 -13.31 -19.24 3.01
CA ASP B 208 -12.19 -19.03 2.06
C ASP B 208 -12.60 -19.62 0.71
N LYS B 209 -12.85 -18.79 -0.32
CA LYS B 209 -13.19 -19.31 -1.64
C LYS B 209 -11.97 -19.70 -2.51
N ILE B 210 -10.75 -19.64 -1.99
CA ILE B 210 -9.54 -20.00 -2.69
C ILE B 210 -9.00 -21.36 -2.18
N ILE B 211 -8.94 -21.51 -0.89
CA ILE B 211 -8.45 -22.70 -0.21
C ILE B 211 -9.66 -23.32 0.51
N PRO B 212 -10.40 -24.23 -0.15
CA PRO B 212 -11.63 -24.76 0.47
C PRO B 212 -11.30 -25.78 1.60
N CYS B 213 -12.23 -26.00 2.53
CA CYS B 213 -12.11 -26.98 3.64
C CYS B 213 -11.55 -28.32 3.22
N ASP B 214 -12.12 -29.00 2.23
CA ASP B 214 -11.70 -30.40 1.96
C ASP B 214 -10.25 -30.44 1.54
N PHE B 215 -9.77 -29.38 0.87
CA PHE B 215 -8.38 -29.31 0.46
C PHE B 215 -7.47 -29.11 1.70
N ILE B 216 -7.92 -28.30 2.62
CA ILE B 216 -7.14 -28.15 3.86
C ILE B 216 -7.02 -29.46 4.60
N ARG B 217 -8.11 -30.25 4.62
CA ARG B 217 -8.14 -31.50 5.40
C ARG B 217 -7.23 -32.47 4.74
N TRP B 218 -7.24 -32.46 3.39
CA TRP B 218 -6.31 -33.30 2.67
C TRP B 218 -4.87 -32.92 3.03
N MET B 219 -4.54 -31.60 3.01
CA MET B 219 -3.13 -31.23 3.37
C MET B 219 -2.76 -31.68 4.77
N ILE B 220 -3.63 -31.45 5.74
CA ILE B 220 -3.32 -31.76 7.15
C ILE B 220 -3.20 -33.34 7.27
N ASP B 221 -4.07 -34.06 6.52
CA ASP B 221 -3.99 -35.47 6.58
C ASP B 221 -2.64 -35.93 6.04
N ASN B 222 -2.09 -35.26 5.02
CA ASN B 222 -0.77 -35.61 4.51
C ASN B 222 0.32 -35.18 5.45
N PHE B 223 0.03 -34.16 6.28
CA PHE B 223 1.07 -33.61 7.09
C PHE B 223 0.41 -33.00 8.30
N ASN B 224 0.46 -33.69 9.44
CA ASN B 224 -0.35 -33.34 10.61
C ASN B 224 0.12 -32.05 11.26
N VAL B 225 -0.78 -31.38 11.93
CA VAL B 225 -0.53 -30.24 12.77
C VAL B 225 -1.01 -30.48 14.16
N SER B 226 -0.53 -29.70 15.12
CA SER B 226 -0.86 -29.92 16.52
C SER B 226 -2.20 -29.51 16.87
N LYS B 227 -2.74 -28.52 16.17
CA LYS B 227 -4.07 -28.02 16.41
C LYS B 227 -4.58 -27.20 15.26
N VAL B 228 -5.91 -27.16 15.15
CA VAL B 228 -6.56 -26.43 14.10
C VAL B 228 -7.46 -25.42 14.70
N TYR B 229 -7.44 -24.17 14.24
CA TYR B 229 -8.32 -23.13 14.68
C TYR B 229 -9.14 -22.64 13.50
N GLU B 230 -10.42 -22.35 13.73
CA GLU B 230 -11.31 -21.92 12.70
C GLU B 230 -11.78 -20.50 13.00
N ILE B 231 -11.81 -19.68 11.95
CA ILE B 231 -12.36 -18.32 12.05
C ILE B 231 -13.66 -18.29 11.28
N ASP B 232 -14.74 -18.19 12.05
CA ASP B 232 -16.06 -18.28 11.48
C ASP B 232 -16.36 -16.95 10.70
N GLY B 233 -16.76 -17.10 9.44
CA GLY B 233 -17.14 -16.01 8.57
C GLY B 233 -15.98 -15.39 7.82
N GLY B 234 -14.76 -15.80 8.11
CA GLY B 234 -13.56 -15.28 7.44
C GLY B 234 -13.58 -15.58 5.91
N ASP B 235 -13.25 -14.57 5.05
CA ASP B 235 -12.90 -14.91 3.65
C ASP B 235 -11.39 -15.29 3.54
N HIS B 236 -10.85 -15.47 2.34
CA HIS B 236 -9.45 -15.79 2.31
C HIS B 236 -8.60 -14.69 2.98
N MET B 237 -8.93 -13.43 2.75
CA MET B 237 -8.21 -12.27 3.25
C MET B 237 -8.64 -11.98 4.74
N VAL B 238 -8.47 -12.97 5.63
CA VAL B 238 -9.07 -12.91 6.95
C VAL B 238 -8.54 -11.87 7.89
N MET B 239 -7.30 -11.41 7.67
CA MET B 239 -6.69 -10.24 8.33
C MET B 239 -7.35 -8.92 7.97
N LEU B 240 -8.15 -8.90 6.89
CA LEU B 240 -8.87 -7.76 6.43
C LEU B 240 -10.40 -7.91 6.75
N SER B 241 -10.96 -9.13 6.67
CA SER B 241 -12.38 -9.23 6.87
C SER B 241 -12.68 -9.52 8.36
N LYS B 242 -11.79 -10.26 9.09
CA LYS B 242 -12.04 -10.54 10.52
C LYS B 242 -10.82 -10.35 11.34
N PRO B 243 -10.24 -9.17 11.34
CA PRO B 243 -8.91 -9.08 12.07
C PRO B 243 -9.02 -9.35 13.60
N GLN B 244 -10.12 -8.92 14.22
CA GLN B 244 -10.27 -9.20 15.66
C GLN B 244 -10.28 -10.68 15.92
N LYS B 245 -11.08 -11.44 15.18
CA LYS B 245 -11.12 -12.85 15.35
C LYS B 245 -9.79 -13.54 15.01
N LEU B 246 -9.04 -12.98 14.09
CA LEU B 246 -7.66 -13.46 13.84
C LEU B 246 -6.75 -13.17 14.99
N PHE B 247 -6.86 -11.97 15.55
CA PHE B 247 -6.18 -11.69 16.81
C PHE B 247 -6.49 -12.71 17.91
N ASP B 248 -7.76 -13.06 18.06
CA ASP B 248 -8.17 -14.01 19.10
C ASP B 248 -7.57 -15.38 18.91
N SER B 249 -7.54 -15.82 17.65
CA SER B 249 -6.82 -17.04 17.28
C SER B 249 -5.33 -17.02 17.64
N LEU B 250 -4.64 -15.95 17.23
CA LEU B 250 -3.21 -15.84 17.49
C LEU B 250 -2.95 -15.71 18.90
N SER B 251 -3.83 -15.03 19.62
N SER B 251 -3.82 -15.06 19.64
CA SER B 251 -3.65 -14.91 21.10
CA SER B 251 -3.60 -14.94 21.09
C SER B 251 -3.76 -16.24 21.83
C SER B 251 -3.76 -16.25 21.83
N ALA B 252 -4.69 -17.07 21.37
CA ALA B 252 -4.89 -18.41 21.89
C ALA B 252 -3.65 -19.27 21.59
N ILE B 253 -3.09 -19.15 20.40
CA ILE B 253 -1.81 -19.85 20.03
C ILE B 253 -0.71 -19.31 20.94
N ALA B 254 -0.63 -18.00 21.12
CA ALA B 254 0.44 -17.50 21.99
C ALA B 254 0.33 -18.02 23.45
N THR B 255 -0.87 -18.09 23.99
CA THR B 255 -1.03 -18.75 25.33
C THR B 255 -0.64 -20.23 25.31
N ASP B 256 -1.09 -20.97 24.33
CA ASP B 256 -0.52 -22.33 24.15
C ASP B 256 0.95 -22.56 24.00
N TYR B 257 1.77 -21.61 23.57
CA TYR B 257 3.24 -21.73 23.45
C TYR B 257 3.91 -20.74 24.36
N MET B 258 3.29 -20.45 25.50
CA MET B 258 3.86 -19.65 26.61
C MET B 258 5.23 -20.22 27.00
N GLY B 259 6.14 -19.35 27.44
CA GLY B 259 7.51 -19.74 27.96
C GLY B 259 8.68 -19.93 26.98
C1 GOL C . 16.38 18.52 -13.12
O1 GOL C . 16.01 19.81 -13.73
C2 GOL C . 17.03 18.83 -11.76
O2 GOL C . 18.32 19.38 -12.07
C3 GOL C . 17.22 17.62 -10.83
O3 GOL C . 15.98 17.32 -10.09
C1 GOL D . 9.85 13.63 15.33
O1 GOL D . 10.95 13.39 16.27
C2 GOL D . 8.54 14.20 15.89
O2 GOL D . 8.24 13.76 17.25
C3 GOL D . 8.53 15.73 15.76
O3 GOL D . 8.44 16.10 14.37
CL CL E . 3.64 16.41 -0.07
C1' HBX F . 3.15 15.39 2.13
O1' HBX F . 2.26 15.98 2.64
C1 HBX F . 4.46 15.39 2.74
C2 HBX F . 5.32 14.43 2.24
C3 HBX F . 6.56 14.31 2.78
C4 HBX F . 6.92 15.15 3.84
C5 HBX F . 6.04 16.09 4.35
C6 HBX F . 4.79 16.23 3.78
CL CL G . -0.86 -16.69 -2.29
C1' HBX H . -3.02 -15.32 -2.63
O1' HBX H . -3.63 -15.87 -1.76
C1 HBX H . -3.44 -15.46 -4.01
C2 HBX H . -4.39 -16.43 -4.38
C3 HBX H . -4.77 -16.49 -5.70
C4 HBX H . -4.21 -15.58 -6.61
C5 HBX H . -3.26 -14.65 -6.22
C6 HBX H . -2.88 -14.58 -4.90
#